data_6J14
#
_entry.id   6J14
#
_cell.length_a   43.422
_cell.length_b   75.679
_cell.length_c   55.873
_cell.angle_alpha   90.00
_cell.angle_beta   104.31
_cell.angle_gamma   90.00
#
_symmetry.space_group_name_H-M   'P 1 21 1'
#
loop_
_entity.id
_entity.type
_entity.pdbx_description
1 polymer 'GY-14 heavy chain V fragment'
2 polymer 'GY-14 light chain V fragment'
3 polymer 'Programmed cell death protein 1'
4 water water
#
loop_
_entity_poly.entity_id
_entity_poly.type
_entity_poly.pdbx_seq_one_letter_code
_entity_poly.pdbx_strand_id
1 'polypeptide(L)'
;QVQLQQSGAELVRPGASVKLSCKALGDTFTDYEIHWVKQTPVHGLEWIGVIHPGSGGTVYNQKFKGKATLTADKYSSTAY
MELSSLTSEDSAVYYCTREGMNTDWYFDVWGAGTTVTVSS
;
A
2 'polypeptide(L)'
;DILMTQDELSLPVSLGDQASISCRSSQTIVHTNGNTYLEWYLQKPGQSPKLLIYKVSNRFSGVPDRFSGSGSGTYFTLKI
SRLEAEDLGVYYCFQGSHVPYTFGGGTKLEMK
;
B
3 'polypeptide(L)'
;NPPTFSPALLVVTEGDNATFTCSFSNTSESFVLNWYRMSPSNQTDKLAAFPEDRSQPGQDCRFRVTQLPNGRDFHMSVVR
ARRNDSGTYLCGAISLAPKAQIKESLRAELRVTER
;
G
#
# COMPACT_ATOMS: atom_id res chain seq x y z
N GLN A 3 2.15 9.56 10.77
CA GLN A 3 3.41 8.90 11.06
C GLN A 3 3.21 7.42 11.31
N LEU A 4 4.25 6.63 11.06
CA LEU A 4 4.25 5.19 11.32
C LEU A 4 5.34 4.94 12.35
N GLN A 5 4.92 4.44 13.51
CA GLN A 5 5.83 4.21 14.62
C GLN A 5 6.16 2.71 14.70
N GLN A 6 7.41 2.37 14.50
CA GLN A 6 7.86 0.98 14.48
C GLN A 6 8.44 0.55 15.83
N SER A 7 8.38 -0.75 16.06
CA SER A 7 8.82 -1.31 17.32
C SER A 7 10.35 -1.39 17.40
N GLY A 8 10.83 -1.74 18.57
CA GLY A 8 12.25 -1.70 18.86
C GLY A 8 13.05 -2.84 18.24
N ALA A 9 14.37 -2.63 18.23
CA ALA A 9 15.29 -3.60 17.66
C ALA A 9 15.12 -4.98 18.29
N GLU A 10 15.27 -6.02 17.47
CA GLU A 10 15.14 -7.39 17.92
C GLU A 10 16.47 -8.11 17.86
N LEU A 11 16.76 -8.89 18.90
CA LEU A 11 17.96 -9.72 19.00
C LEU A 11 17.48 -11.13 19.25
N VAL A 12 17.59 -11.98 18.24
CA VAL A 12 16.94 -13.29 18.26
C VAL A 12 17.89 -14.34 17.72
N ARG A 13 17.54 -15.61 18.02
CA ARG A 13 18.41 -16.74 17.67
C ARG A 13 17.99 -17.37 16.36
N PRO A 14 18.93 -18.03 15.66
CA PRO A 14 18.58 -18.73 14.42
C PRO A 14 17.47 -19.75 14.65
N GLY A 15 16.55 -19.83 13.68
CA GLY A 15 15.45 -20.76 13.74
C GLY A 15 14.22 -20.25 14.45
N ALA A 16 14.34 -19.13 15.18
CA ALA A 16 13.21 -18.61 15.94
C ALA A 16 12.33 -17.75 15.05
N SER A 17 11.31 -17.15 15.67
N SER A 17 11.31 -17.16 15.67
CA SER A 17 10.43 -16.22 14.99
CA SER A 17 10.43 -16.21 15.02
C SER A 17 10.35 -14.95 15.83
C SER A 17 10.42 -14.93 15.82
N VAL A 18 10.06 -13.83 15.17
CA VAL A 18 9.92 -12.55 15.84
C VAL A 18 8.80 -11.78 15.17
N LYS A 19 8.08 -10.98 15.94
CA LYS A 19 6.96 -10.21 15.44
C LYS A 19 7.24 -8.73 15.63
N LEU A 20 7.28 -7.99 14.51
CA LEU A 20 7.48 -6.55 14.49
C LEU A 20 6.14 -5.84 14.38
N SER A 21 6.06 -4.63 14.92
CA SER A 21 4.82 -3.88 14.85
C SER A 21 5.03 -2.49 14.27
N CYS A 22 3.92 -1.94 13.78
CA CYS A 22 3.89 -0.64 13.11
C CYS A 22 2.56 0.01 13.48
N LYS A 23 2.61 1.11 14.22
CA LYS A 23 1.40 1.83 14.64
C LYS A 23 1.22 3.07 13.77
N ALA A 24 0.03 3.22 13.21
CA ALA A 24 -0.28 4.37 12.36
C ALA A 24 -0.87 5.45 13.24
N LEU A 25 -0.22 6.62 13.27
CA LEU A 25 -0.65 7.76 14.05
C LEU A 25 -1.07 8.90 13.11
N GLY A 26 -2.05 9.69 13.56
CA GLY A 26 -2.47 10.85 12.81
C GLY A 26 -3.49 10.53 11.73
N ASP A 31 -8.42 5.74 3.92
CA ASP A 31 -8.15 4.31 3.87
C ASP A 31 -6.76 4.10 3.28
N TYR A 32 -6.03 3.14 3.84
N TYR A 32 -6.04 3.12 3.83
CA TYR A 32 -4.63 2.89 3.48
CA TYR A 32 -4.67 2.87 3.43
C TYR A 32 -4.36 1.40 3.50
C TYR A 32 -4.41 1.37 3.41
N GLU A 33 -3.30 1.00 2.80
CA GLU A 33 -2.72 -0.32 2.91
C GLU A 33 -1.33 -0.16 3.51
N ILE A 34 -0.88 -1.18 4.22
CA ILE A 34 0.40 -1.15 4.90
C ILE A 34 1.33 -2.15 4.22
N HIS A 35 2.50 -1.67 3.80
CA HIS A 35 3.51 -2.49 3.14
C HIS A 35 4.73 -2.64 4.03
N TRP A 36 5.48 -3.71 3.81
CA TRP A 36 6.74 -3.95 4.52
C TRP A 36 7.84 -4.12 3.47
N VAL A 37 9.01 -3.55 3.78
CA VAL A 37 10.17 -3.51 2.88
C VAL A 37 11.40 -3.88 3.69
N LYS A 38 12.17 -4.84 3.19
CA LYS A 38 13.46 -5.23 3.77
C LYS A 38 14.59 -4.44 3.12
N GLN A 39 15.59 -4.05 3.92
CA GLN A 39 16.79 -3.43 3.37
C GLN A 39 18.04 -4.10 3.90
N THR A 40 18.92 -4.49 2.98
CA THR A 40 20.25 -5.01 3.28
C THR A 40 21.22 -4.39 2.31
N PRO A 41 22.50 -4.30 2.66
CA PRO A 41 23.48 -3.80 1.70
C PRO A 41 23.63 -4.68 0.47
N VAL A 42 23.49 -5.99 0.58
CA VAL A 42 23.76 -6.82 -0.58
C VAL A 42 22.53 -6.96 -1.48
N HIS A 43 21.34 -7.01 -0.92
CA HIS A 43 20.14 -7.23 -1.73
C HIS A 43 19.29 -5.98 -1.90
N GLY A 44 19.68 -4.87 -1.27
CA GLY A 44 18.98 -3.62 -1.48
C GLY A 44 17.62 -3.60 -0.80
N LEU A 45 16.67 -2.91 -1.44
CA LEU A 45 15.32 -2.78 -0.94
C LEU A 45 14.45 -3.85 -1.60
N GLU A 46 13.77 -4.64 -0.78
CA GLU A 46 12.91 -5.71 -1.28
C GLU A 46 11.50 -5.54 -0.71
N TRP A 47 10.50 -5.49 -1.58
CA TRP A 47 9.11 -5.42 -1.15
C TRP A 47 8.65 -6.79 -0.66
N ILE A 48 8.18 -6.84 0.58
CA ILE A 48 7.80 -8.11 1.20
C ILE A 48 6.34 -8.45 0.94
N GLY A 49 5.45 -7.48 1.09
CA GLY A 49 4.03 -7.74 0.94
C GLY A 49 3.24 -6.57 1.47
N VAL A 50 1.92 -6.71 1.36
CA VAL A 50 0.99 -5.66 1.73
C VAL A 50 -0.20 -6.27 2.44
N ILE A 51 -0.74 -5.52 3.40
CA ILE A 51 -2.01 -5.85 4.05
C ILE A 51 -2.95 -4.66 3.98
N HIS A 52 -4.23 -4.94 3.76
CA HIS A 52 -5.24 -3.91 3.92
C HIS A 52 -5.89 -4.14 5.27
N PRO A 53 -5.64 -3.30 6.26
CA PRO A 53 -6.18 -3.57 7.61
C PRO A 53 -7.70 -3.70 7.68
N GLY A 54 -8.42 -2.95 6.85
CA GLY A 54 -9.88 -3.01 6.93
C GLY A 54 -10.45 -4.38 6.62
N SER A 55 -9.88 -5.06 5.63
CA SER A 55 -10.37 -6.36 5.20
C SER A 55 -9.50 -7.53 5.66
N GLY A 56 -8.28 -7.26 6.14
CA GLY A 56 -7.33 -8.30 6.42
C GLY A 56 -6.68 -8.92 5.21
N GLY A 57 -7.03 -8.46 4.00
CA GLY A 57 -6.48 -9.06 2.80
C GLY A 57 -4.98 -8.80 2.69
N THR A 58 -4.26 -9.79 2.18
CA THR A 58 -2.82 -9.68 2.02
C THR A 58 -2.40 -10.14 0.62
N VAL A 59 -1.31 -9.57 0.13
CA VAL A 59 -0.60 -10.07 -1.05
C VAL A 59 0.87 -10.12 -0.67
N TYR A 60 1.54 -11.23 -0.94
CA TYR A 60 2.94 -11.41 -0.62
C TYR A 60 3.79 -11.46 -1.88
N ASN A 61 5.00 -10.91 -1.79
CA ASN A 61 6.08 -11.32 -2.68
C ASN A 61 6.35 -12.81 -2.43
N GLN A 62 6.32 -13.62 -3.49
CA GLN A 62 6.53 -15.05 -3.31
C GLN A 62 7.84 -15.36 -2.59
N LYS A 63 8.88 -14.54 -2.79
CA LYS A 63 10.14 -14.78 -2.09
C LYS A 63 9.99 -14.74 -0.58
N PHE A 64 8.96 -14.06 -0.06
CA PHE A 64 8.75 -13.96 1.37
C PHE A 64 7.60 -14.79 1.89
N LYS A 65 6.93 -15.56 1.02
CA LYS A 65 5.89 -16.46 1.50
C LYS A 65 6.51 -17.46 2.47
N GLY A 66 5.85 -17.66 3.60
CA GLY A 66 6.47 -18.51 4.63
C GLY A 66 7.39 -17.75 5.57
N LYS A 67 8.28 -16.92 5.02
CA LYS A 67 9.20 -16.13 5.84
C LYS A 67 8.46 -15.05 6.62
N ALA A 68 7.54 -14.34 5.97
CA ALA A 68 6.83 -13.24 6.59
C ALA A 68 5.33 -13.51 6.62
N THR A 69 4.69 -13.14 7.73
CA THR A 69 3.24 -13.21 7.85
C THR A 69 2.75 -11.86 8.31
N LEU A 70 1.85 -11.25 7.54
CA LEU A 70 1.33 -9.92 7.83
C LEU A 70 -0.04 -10.03 8.50
N THR A 71 -0.23 -9.29 9.58
CA THR A 71 -1.53 -9.19 10.24
C THR A 71 -1.78 -7.74 10.63
N ALA A 72 -3.02 -7.45 11.03
CA ALA A 72 -3.35 -6.12 11.49
C ALA A 72 -4.52 -6.22 12.46
N ASP A 73 -4.50 -5.39 13.49
CA ASP A 73 -5.59 -5.36 14.45
C ASP A 73 -6.81 -4.65 13.86
N LYS A 74 -7.97 -4.92 14.45
CA LYS A 74 -9.22 -4.31 14.03
C LYS A 74 -9.65 -3.15 14.89
N TYR A 75 -9.22 -3.09 16.15
CA TYR A 75 -9.63 -2.05 17.08
C TYR A 75 -8.47 -1.16 17.50
N SER A 76 -7.31 -1.33 16.89
CA SER A 76 -6.20 -0.40 17.01
C SER A 76 -5.56 -0.32 15.63
N SER A 77 -4.93 0.82 15.36
CA SER A 77 -4.27 1.06 14.07
C SER A 77 -2.84 0.52 14.09
N THR A 78 -2.73 -0.79 14.29
CA THR A 78 -1.44 -1.46 14.41
C THR A 78 -1.36 -2.61 13.41
N ALA A 79 -0.26 -2.66 12.67
CA ALA A 79 0.03 -3.75 11.75
C ALA A 79 1.26 -4.49 12.24
N TYR A 80 1.35 -5.77 11.90
CA TYR A 80 2.44 -6.61 12.37
C TYR A 80 3.03 -7.43 11.24
N MET A 81 4.31 -7.74 11.37
CA MET A 81 4.96 -8.68 10.47
C MET A 81 5.71 -9.69 11.31
N GLU A 82 5.37 -10.96 11.17
CA GLU A 82 6.07 -12.03 11.86
C GLU A 82 7.06 -12.63 10.88
N LEU A 83 8.33 -12.67 11.27
CA LEU A 83 9.39 -13.32 10.50
C LEU A 83 9.71 -14.65 11.15
N SER A 84 9.75 -15.71 10.36
CA SER A 84 9.96 -17.06 10.90
C SER A 84 11.20 -17.68 10.28
N SER A 85 11.62 -18.81 10.87
CA SER A 85 12.76 -19.59 10.38
C SER A 85 14.01 -18.72 10.23
N LEU A 86 14.28 -17.94 11.27
CA LEU A 86 15.23 -16.84 11.14
C LEU A 86 16.65 -17.34 10.93
N THR A 87 17.37 -16.67 10.03
CA THR A 87 18.79 -16.93 9.82
C THR A 87 19.53 -15.60 9.73
N SER A 88 20.86 -15.69 9.66
CA SER A 88 21.70 -14.51 9.45
C SER A 88 21.31 -13.71 8.21
N GLU A 89 20.73 -14.38 7.21
CA GLU A 89 20.29 -13.67 6.02
C GLU A 89 19.12 -12.75 6.31
N ASP A 90 18.46 -12.93 7.44
CA ASP A 90 17.35 -12.07 7.85
C ASP A 90 17.79 -10.88 8.70
N SER A 91 19.06 -10.79 9.06
CA SER A 91 19.55 -9.62 9.78
C SER A 91 19.53 -8.42 8.84
N ALA A 92 18.74 -7.41 9.18
CA ALA A 92 18.40 -6.37 8.21
C ALA A 92 17.61 -5.30 8.93
N VAL A 93 17.33 -4.22 8.21
CA VAL A 93 16.33 -3.22 8.62
C VAL A 93 15.04 -3.54 7.88
N TYR A 94 13.92 -3.51 8.61
CA TYR A 94 12.59 -3.74 8.04
C TYR A 94 11.79 -2.46 8.22
N TYR A 95 11.35 -1.90 7.11
CA TYR A 95 10.51 -0.71 7.12
C TYR A 95 9.05 -1.10 6.93
N CYS A 96 8.17 -0.41 7.65
N CYS A 96 8.19 -0.34 7.59
CA CYS A 96 6.79 -0.38 7.22
CA CYS A 96 6.77 -0.33 7.32
C CYS A 96 6.52 0.94 6.53
C CYS A 96 6.45 0.97 6.60
N THR A 97 5.62 0.90 5.56
CA THR A 97 5.27 2.08 4.77
C THR A 97 3.80 1.97 4.40
N ARG A 98 3.25 3.06 3.92
CA ARG A 98 1.82 3.19 3.72
C ARG A 98 1.54 3.53 2.26
N GLU A 99 0.43 3.02 1.74
CA GLU A 99 -0.07 3.42 0.43
C GLU A 99 -1.53 3.81 0.60
N GLY A 100 -1.89 5.01 0.13
CA GLY A 100 -3.29 5.43 0.20
C GLY A 100 -4.12 4.74 -0.87
N MET A 101 -5.37 4.42 -0.52
CA MET A 101 -6.29 3.93 -1.54
C MET A 101 -6.51 4.99 -2.60
N ASN A 102 -6.60 4.55 -3.86
CA ASN A 102 -6.91 5.44 -4.97
C ASN A 102 -5.99 6.66 -5.00
N THR A 103 -4.68 6.40 -4.95
CA THR A 103 -3.69 7.45 -5.08
C THR A 103 -2.82 7.16 -6.29
N ASP A 104 -2.07 8.18 -6.72
CA ASP A 104 -1.23 8.04 -7.90
C ASP A 104 0.19 7.59 -7.59
N TRP A 105 0.52 7.39 -6.32
CA TRP A 105 1.88 7.07 -5.91
C TRP A 105 1.81 6.05 -4.80
N TYR A 106 2.98 5.51 -4.45
CA TYR A 106 3.08 4.52 -3.39
C TYR A 106 3.48 5.14 -2.05
N PHE A 107 4.76 5.13 -1.72
CA PHE A 107 5.20 5.18 -0.31
C PHE A 107 5.64 6.59 0.09
N ASP A 108 4.65 7.43 0.40
CA ASP A 108 5.00 8.78 0.82
C ASP A 108 5.33 8.87 2.31
N VAL A 109 4.91 7.91 3.12
CA VAL A 109 5.21 7.92 4.55
C VAL A 109 5.85 6.59 4.89
N TRP A 110 7.00 6.65 5.57
CA TRP A 110 7.76 5.47 5.99
C TRP A 110 7.97 5.50 7.49
N GLY A 111 7.95 4.35 8.12
CA GLY A 111 8.45 4.22 9.46
C GLY A 111 9.96 4.41 9.49
N ALA A 112 10.50 4.45 10.71
CA ALA A 112 11.94 4.65 10.85
C ALA A 112 12.72 3.37 10.66
N GLY A 113 12.04 2.23 10.57
CA GLY A 113 12.73 0.95 10.46
C GLY A 113 12.90 0.26 11.79
N THR A 114 12.86 -1.06 11.76
CA THR A 114 13.21 -1.91 12.90
C THR A 114 14.32 -2.83 12.46
N THR A 115 15.41 -2.84 13.22
CA THR A 115 16.53 -3.75 12.94
C THR A 115 16.31 -5.09 13.64
N VAL A 116 16.59 -6.17 12.91
CA VAL A 116 16.60 -7.53 13.43
C VAL A 116 18.01 -8.07 13.31
N THR A 117 18.55 -8.63 14.39
CA THR A 117 19.88 -9.23 14.41
C THR A 117 19.71 -10.68 14.82
N VAL A 118 20.05 -11.60 13.92
CA VAL A 118 19.98 -13.02 14.20
C VAL A 118 21.37 -13.49 14.62
N SER A 119 21.49 -13.98 15.85
CA SER A 119 22.77 -14.37 16.43
C SER A 119 23.27 -15.69 15.86
N ASP B 1 9.79 -12.05 -12.55
CA ASP B 1 9.74 -10.75 -11.85
C ASP B 1 10.44 -9.70 -12.70
N ILE B 2 10.04 -8.45 -12.52
CA ILE B 2 10.69 -7.35 -13.22
C ILE B 2 11.97 -6.99 -12.50
N LEU B 3 13.08 -7.02 -13.21
CA LEU B 3 14.36 -6.60 -12.67
C LEU B 3 14.55 -5.12 -12.99
N MET B 4 14.92 -4.34 -11.99
CA MET B 4 15.20 -2.92 -12.14
C MET B 4 16.70 -2.72 -11.95
N THR B 5 17.40 -2.28 -12.99
CA THR B 5 18.87 -2.20 -12.97
C THR B 5 19.28 -0.73 -13.10
N GLN B 6 20.06 -0.24 -12.14
CA GLN B 6 20.54 1.13 -12.24
C GLN B 6 21.92 1.18 -12.87
N ASP B 7 22.15 2.20 -13.70
CA ASP B 7 23.32 2.19 -14.58
C ASP B 7 24.63 2.35 -13.81
N GLU B 8 24.62 3.11 -12.72
CA GLU B 8 25.84 3.37 -11.96
C GLU B 8 25.59 3.09 -10.48
N LEU B 9 26.60 2.52 -9.81
CA LEU B 9 26.51 2.32 -8.37
C LEU B 9 26.77 3.60 -7.60
N SER B 10 27.66 4.46 -8.11
CA SER B 10 28.10 5.66 -7.41
C SER B 10 28.26 6.79 -8.43
N LEU B 11 28.05 8.02 -7.95
CA LEU B 11 28.31 9.21 -8.75
C LEU B 11 28.97 10.26 -7.85
N PRO B 12 30.29 10.45 -7.95
CA PRO B 12 30.94 11.49 -7.14
C PRO B 12 30.73 12.85 -7.79
N VAL B 13 30.28 13.81 -6.99
CA VAL B 13 29.87 15.11 -7.50
C VAL B 13 30.45 16.20 -6.64
N SER B 14 30.42 17.41 -7.18
CA SER B 14 30.54 18.63 -6.40
C SER B 14 29.16 19.26 -6.28
N LEU B 15 28.94 19.98 -5.18
CA LEU B 15 27.70 20.71 -5.06
C LEU B 15 27.55 21.69 -6.21
N GLY B 16 26.32 21.82 -6.71
CA GLY B 16 26.05 22.63 -7.89
C GLY B 16 26.16 21.90 -9.21
N ASP B 17 26.71 20.67 -9.24
CA ASP B 17 26.81 19.90 -10.47
C ASP B 17 25.46 19.38 -10.89
N GLN B 18 25.38 18.94 -12.13
CA GLN B 18 24.27 18.15 -12.62
C GLN B 18 24.54 16.68 -12.36
N ALA B 19 23.50 15.93 -12.04
CA ALA B 19 23.57 14.48 -11.90
C ALA B 19 22.44 13.84 -12.69
N SER B 20 22.71 12.68 -13.26
CA SER B 20 21.73 11.92 -14.01
C SER B 20 21.78 10.49 -13.51
N ILE B 21 20.62 9.94 -13.19
CA ILE B 21 20.52 8.57 -12.68
C ILE B 21 19.54 7.82 -13.57
N SER B 22 19.96 6.67 -14.08
CA SER B 22 19.11 5.95 -15.02
C SER B 22 18.76 4.58 -14.47
N CYS B 23 17.64 4.06 -14.97
CA CYS B 23 17.09 2.82 -14.47
C CYS B 23 16.47 2.09 -15.65
N ARG B 24 16.85 0.82 -15.81
CA ARG B 24 16.33 -0.01 -16.89
C ARG B 24 15.46 -1.09 -16.28
N SER B 25 14.27 -1.27 -16.81
CA SER B 25 13.39 -2.36 -16.36
C SER B 25 13.52 -3.51 -17.35
N SER B 26 13.46 -4.76 -16.86
CA SER B 26 13.63 -5.91 -17.75
C SER B 26 12.41 -6.16 -18.63
N GLN B 27 11.26 -5.59 -18.27
CA GLN B 27 10.04 -5.64 -19.04
C GLN B 27 9.37 -4.28 -18.93
N THR B 28 8.41 -4.01 -19.80
CA THR B 28 7.66 -2.78 -19.66
C THR B 28 6.87 -2.79 -18.37
N ILE B 29 6.52 -1.60 -17.89
CA ILE B 29 5.91 -1.43 -16.57
C ILE B 29 4.68 -0.55 -16.64
N VAL B 30 3.78 -0.86 -17.57
CA VAL B 30 2.50 -0.19 -17.70
C VAL B 30 1.46 -1.04 -16.99
N HIS B 31 0.87 -0.47 -15.95
CA HIS B 31 -0.24 -1.10 -15.24
C HIS B 31 -1.40 -1.30 -16.19
N THR B 32 -2.25 -2.28 -15.88
CA THR B 32 -3.42 -2.53 -16.72
C THR B 32 -4.33 -1.29 -16.85
N ASN B 33 -4.29 -0.37 -15.89
CA ASN B 33 -5.10 0.85 -15.96
C ASN B 33 -4.48 1.93 -16.84
N GLY B 34 -3.32 1.66 -17.44
CA GLY B 34 -2.67 2.59 -18.34
C GLY B 34 -1.59 3.45 -17.69
N ASN B 35 -1.55 3.52 -16.36
CA ASN B 35 -0.53 4.32 -15.70
C ASN B 35 0.79 3.56 -15.60
N THR B 36 1.89 4.30 -15.60
CA THR B 36 3.22 3.73 -15.39
C THR B 36 3.65 4.16 -13.99
N TYR B 37 3.59 3.24 -13.03
CA TYR B 37 3.94 3.54 -11.64
C TYR B 37 5.44 3.35 -11.42
N LEU B 38 6.21 4.19 -12.11
CA LEU B 38 7.65 4.28 -11.96
C LEU B 38 7.93 5.44 -11.03
N GLU B 39 8.66 5.17 -9.94
CA GLU B 39 8.92 6.17 -8.92
C GLU B 39 10.41 6.25 -8.62
N TRP B 40 10.81 7.41 -8.10
CA TRP B 40 12.18 7.61 -7.63
C TRP B 40 12.15 7.99 -6.16
N TYR B 41 12.98 7.33 -5.37
CA TYR B 41 13.15 7.56 -3.94
C TYR B 41 14.57 8.02 -3.68
N LEU B 42 14.73 8.95 -2.74
CA LEU B 42 16.05 9.31 -2.22
C LEU B 42 16.13 8.83 -0.78
N GLN B 43 17.20 8.10 -0.46
CA GLN B 43 17.51 7.73 0.92
C GLN B 43 18.74 8.52 1.35
N LYS B 44 18.50 9.57 2.11
CA LYS B 44 19.60 10.34 2.67
C LYS B 44 20.31 9.47 3.70
N PRO B 45 21.60 9.74 3.95
CA PRO B 45 22.37 8.88 4.87
C PRO B 45 21.71 8.77 6.23
N GLY B 46 21.47 7.53 6.65
CA GLY B 46 20.89 7.26 7.95
C GLY B 46 19.40 7.55 8.09
N GLN B 47 18.68 7.76 6.99
CA GLN B 47 17.26 8.04 7.02
C GLN B 47 16.49 6.98 6.25
N SER B 48 15.17 7.04 6.38
CA SER B 48 14.31 6.19 5.56
C SER B 48 14.21 6.79 4.16
N PRO B 49 13.88 5.96 3.15
CA PRO B 49 13.66 6.49 1.80
C PRO B 49 12.54 7.52 1.81
N LYS B 50 12.63 8.45 0.87
CA LYS B 50 11.61 9.47 0.68
C LYS B 50 11.25 9.56 -0.80
N LEU B 51 9.95 9.71 -1.07
CA LEU B 51 9.44 9.74 -2.42
C LEU B 51 9.71 11.10 -3.05
N LEU B 52 10.34 11.08 -4.23
CA LEU B 52 10.60 12.30 -4.99
C LEU B 52 9.75 12.44 -6.24
N ILE B 53 9.65 11.38 -7.05
CA ILE B 53 9.00 11.41 -8.34
C ILE B 53 8.02 10.24 -8.40
N TYR B 54 6.81 10.48 -8.91
CA TYR B 54 5.84 9.42 -9.11
C TYR B 54 5.31 9.48 -10.55
N LYS B 55 4.78 8.35 -11.00
CA LYS B 55 4.28 8.21 -12.38
C LYS B 55 5.25 8.82 -13.39
N VAL B 56 6.52 8.39 -13.28
CA VAL B 56 7.62 8.70 -14.19
C VAL B 56 8.20 10.10 -14.03
N SER B 57 7.33 11.11 -14.02
CA SER B 57 7.77 12.48 -14.23
C SER B 57 7.14 13.51 -13.30
N ASN B 58 6.31 13.10 -12.35
CA ASN B 58 5.58 14.05 -11.50
C ASN B 58 6.33 14.23 -10.19
N ARG B 59 6.58 15.47 -9.82
CA ARG B 59 7.23 15.73 -8.55
C ARG B 59 6.24 15.59 -7.40
N PHE B 60 6.64 14.86 -6.36
CA PHE B 60 5.80 14.79 -5.19
C PHE B 60 5.76 16.15 -4.53
N SER B 61 4.71 16.39 -3.75
CA SER B 61 4.51 17.71 -3.15
C SER B 61 5.74 18.13 -2.34
N GLY B 62 6.22 19.34 -2.60
CA GLY B 62 7.35 19.88 -1.89
C GLY B 62 8.70 19.60 -2.52
N VAL B 63 8.77 18.73 -3.51
CA VAL B 63 10.05 18.41 -4.13
C VAL B 63 10.42 19.54 -5.09
N PRO B 64 11.64 20.09 -4.99
CA PRO B 64 11.99 21.25 -5.82
C PRO B 64 12.18 20.85 -7.28
N ASP B 65 12.01 21.85 -8.15
CA ASP B 65 11.95 21.55 -9.57
C ASP B 65 13.32 21.34 -10.20
N ARG B 66 14.40 21.40 -9.42
CA ARG B 66 15.67 20.91 -9.94
C ARG B 66 15.65 19.40 -10.20
N PHE B 67 14.69 18.68 -9.63
CA PHE B 67 14.47 17.27 -9.91
C PHE B 67 13.51 17.12 -11.08
N SER B 68 13.89 16.31 -12.05
CA SER B 68 12.98 15.98 -13.14
C SER B 68 13.15 14.51 -13.50
N GLY B 69 12.04 13.87 -13.84
CA GLY B 69 12.05 12.50 -14.26
C GLY B 69 11.51 12.39 -15.66
N SER B 70 12.05 11.44 -16.42
CA SER B 70 11.55 11.18 -17.75
C SER B 70 11.71 9.70 -18.07
N GLY B 71 11.14 9.30 -19.19
CA GLY B 71 11.35 7.98 -19.71
C GLY B 71 10.07 7.31 -20.14
N SER B 72 10.23 6.10 -20.66
CA SER B 72 9.13 5.29 -21.15
C SER B 72 9.72 3.94 -21.49
N GLY B 73 8.84 3.00 -21.82
CA GLY B 73 9.28 1.68 -22.22
C GLY B 73 10.03 0.97 -21.11
N THR B 74 11.35 0.82 -21.29
CA THR B 74 12.18 0.14 -20.29
C THR B 74 13.36 0.99 -19.82
N TYR B 75 13.33 2.31 -20.04
CA TYR B 75 14.46 3.14 -19.68
C TYR B 75 13.97 4.46 -19.11
N PHE B 76 14.34 4.74 -17.86
CA PHE B 76 13.86 5.89 -17.12
C PHE B 76 15.03 6.61 -16.47
N THR B 77 14.92 7.94 -16.39
CA THR B 77 16.03 8.78 -15.97
C THR B 77 15.57 9.87 -15.03
N LEU B 78 16.28 10.02 -13.90
CA LEU B 78 16.11 11.14 -13.00
C LEU B 78 17.27 12.11 -13.20
N LYS B 79 16.98 13.37 -13.45
CA LYS B 79 17.99 14.41 -13.59
C LYS B 79 17.90 15.36 -12.40
N ILE B 80 19.05 15.68 -11.83
CA ILE B 80 19.14 16.68 -10.78
C ILE B 80 19.99 17.81 -11.34
N SER B 81 19.37 18.98 -11.49
N SER B 81 19.35 18.95 -11.56
CA SER B 81 20.09 20.15 -11.94
CA SER B 81 20.08 20.14 -11.92
C SER B 81 20.57 20.94 -10.73
C SER B 81 20.61 20.80 -10.65
N ARG B 82 21.84 21.31 -10.73
CA ARG B 82 22.45 22.11 -9.68
C ARG B 82 22.17 21.53 -8.31
N LEU B 83 22.82 20.43 -8.02
CA LEU B 83 22.45 19.69 -6.83
C LEU B 83 22.91 20.41 -5.56
N GLU B 84 22.10 20.25 -4.52
CA GLU B 84 22.33 20.87 -3.22
C GLU B 84 22.80 19.80 -2.23
N ALA B 85 23.33 20.25 -1.10
CA ALA B 85 23.82 19.30 -0.11
C ALA B 85 22.73 18.33 0.35
N GLU B 86 21.48 18.80 0.44
CA GLU B 86 20.38 17.94 0.87
C GLU B 86 20.06 16.85 -0.14
N ASP B 87 20.66 16.89 -1.32
CA ASP B 87 20.40 15.88 -2.34
C ASP B 87 21.30 14.67 -2.24
N LEU B 88 22.32 14.71 -1.39
CA LEU B 88 23.25 13.59 -1.32
C LEU B 88 22.59 12.38 -0.64
N GLY B 89 22.89 11.20 -1.14
CA GLY B 89 22.31 9.98 -0.63
C GLY B 89 22.21 8.97 -1.76
N VAL B 90 21.37 7.96 -1.57
CA VAL B 90 21.20 6.90 -2.55
C VAL B 90 19.83 7.03 -3.21
N TYR B 91 19.81 7.02 -4.53
CA TYR B 91 18.59 7.14 -5.33
C TYR B 91 18.18 5.76 -5.79
N TYR B 92 16.92 5.41 -5.56
CA TYR B 92 16.38 4.13 -6.00
C TYR B 92 15.20 4.34 -6.91
N CYS B 93 15.20 3.67 -8.06
N CYS B 93 15.16 3.54 -7.96
CA CYS B 93 13.96 3.58 -8.81
CA CYS B 93 14.04 3.46 -8.88
C CYS B 93 13.09 2.45 -8.26
C CYS B 93 13.13 2.32 -8.45
N PHE B 94 11.81 2.51 -8.62
CA PHE B 94 10.83 1.56 -8.09
C PHE B 94 9.71 1.41 -9.11
N GLN B 95 9.28 0.17 -9.36
CA GLN B 95 8.09 -0.07 -10.17
C GLN B 95 7.00 -0.70 -9.30
N GLY B 96 5.79 -0.12 -9.39
CA GLY B 96 4.61 -0.66 -8.74
C GLY B 96 3.51 -0.97 -9.74
N SER B 97 3.89 -1.28 -10.97
CA SER B 97 2.90 -1.60 -11.99
C SER B 97 2.51 -3.08 -11.99
N HIS B 98 3.44 -3.95 -11.61
CA HIS B 98 3.23 -5.39 -11.65
C HIS B 98 3.72 -6.00 -10.35
N VAL B 99 2.94 -6.92 -9.79
CA VAL B 99 3.36 -7.64 -8.59
C VAL B 99 4.34 -8.74 -8.97
N PRO B 100 5.45 -8.95 -8.23
CA PRO B 100 5.85 -8.20 -7.04
C PRO B 100 6.50 -6.87 -7.42
N TYR B 101 6.26 -5.87 -6.60
CA TYR B 101 6.92 -4.60 -6.83
C TYR B 101 8.42 -4.75 -6.60
N THR B 102 9.21 -4.02 -7.37
CA THR B 102 10.66 -4.17 -7.34
C THR B 102 11.36 -2.82 -7.38
N PHE B 103 12.50 -2.76 -6.71
CA PHE B 103 13.34 -1.58 -6.65
C PHE B 103 14.61 -1.82 -7.44
N GLY B 104 15.17 -0.75 -8.00
CA GLY B 104 16.53 -0.78 -8.47
C GLY B 104 17.53 -0.92 -7.32
N GLY B 105 18.78 -1.15 -7.68
CA GLY B 105 19.80 -1.40 -6.68
C GLY B 105 20.41 -0.16 -6.05
N GLY B 106 20.04 1.02 -6.54
CA GLY B 106 20.50 2.25 -5.93
C GLY B 106 21.70 2.86 -6.64
N THR B 107 21.73 4.19 -6.71
CA THR B 107 22.89 4.94 -7.18
C THR B 107 23.24 5.96 -6.10
N LYS B 108 24.46 5.88 -5.58
CA LYS B 108 24.89 6.78 -4.52
C LYS B 108 25.54 8.08 -4.99
N LEU B 109 24.87 9.19 -4.71
CA LEU B 109 25.36 10.52 -5.04
C LEU B 109 26.14 11.00 -3.81
N GLU B 110 27.45 11.18 -3.97
CA GLU B 110 28.31 11.54 -2.85
C GLU B 110 29.34 12.57 -3.31
N MET B 111 29.96 13.22 -2.33
CA MET B 111 30.90 14.30 -2.61
C MET B 111 32.18 13.77 -3.25
N LYS B 112 32.63 14.45 -4.30
CA LYS B 112 33.85 14.11 -5.02
C LYS B 112 35.05 14.90 -4.50
N ASN C 1 -15.39 1.72 -13.50
CA ASN C 1 -16.71 2.20 -13.08
C ASN C 1 -17.16 1.51 -11.80
N PRO C 2 -17.68 2.28 -10.86
CA PRO C 2 -17.95 1.75 -9.52
C PRO C 2 -19.19 0.88 -9.52
N PRO C 3 -19.38 0.06 -8.49
CA PRO C 3 -20.63 -0.69 -8.37
C PRO C 3 -21.80 0.24 -8.09
N THR C 4 -22.99 -0.24 -8.43
CA THR C 4 -24.21 0.43 -8.01
C THR C 4 -24.75 -0.22 -6.74
N PHE C 5 -25.55 0.55 -5.98
CA PHE C 5 -26.09 0.10 -4.69
C PHE C 5 -27.50 0.69 -4.56
N SER C 6 -28.50 -0.12 -4.88
CA SER C 6 -29.86 0.36 -4.98
C SER C 6 -30.80 -0.50 -4.14
N PRO C 7 -31.90 0.07 -3.64
CA PRO C 7 -32.32 1.48 -3.84
C PRO C 7 -31.61 2.53 -2.96
N ALA C 8 -31.56 3.77 -3.47
CA ALA C 8 -30.90 4.86 -2.75
C ALA C 8 -31.62 5.18 -1.44
N LEU C 9 -32.93 4.98 -1.42
CA LEU C 9 -33.73 5.08 -0.20
C LEU C 9 -34.52 3.80 -0.08
N LEU C 10 -34.24 3.02 0.94
CA LEU C 10 -34.94 1.76 1.17
C LEU C 10 -35.87 1.98 2.35
N VAL C 11 -37.17 2.05 2.06
CA VAL C 11 -38.21 2.21 3.06
C VAL C 11 -38.75 0.84 3.41
N VAL C 12 -38.60 0.45 4.67
CA VAL C 12 -39.02 -0.86 5.14
C VAL C 12 -39.65 -0.71 6.50
N THR C 13 -40.75 -1.42 6.73
CA THR C 13 -41.35 -1.46 8.05
C THR C 13 -40.48 -2.32 8.96
N GLU C 14 -40.29 -1.87 10.21
CA GLU C 14 -39.51 -2.64 11.16
C GLU C 14 -40.07 -4.05 11.29
N GLY C 15 -39.18 -5.03 11.41
CA GLY C 15 -39.52 -6.42 11.44
C GLY C 15 -39.43 -7.12 10.08
N ASP C 16 -39.66 -6.38 8.99
CA ASP C 16 -39.48 -6.91 7.66
C ASP C 16 -37.99 -6.92 7.30
N ASN C 17 -37.64 -7.71 6.30
CA ASN C 17 -36.28 -7.69 5.80
C ASN C 17 -36.10 -6.57 4.79
N ALA C 18 -34.84 -6.21 4.53
CA ALA C 18 -34.50 -5.22 3.53
C ALA C 18 -33.32 -5.74 2.73
N THR C 19 -33.38 -5.62 1.40
CA THR C 19 -32.32 -6.11 0.54
C THR C 19 -31.91 -5.05 -0.47
N PHE C 20 -30.64 -4.66 -0.43
CA PHE C 20 -30.04 -3.84 -1.46
C PHE C 20 -29.38 -4.75 -2.49
N THR C 21 -29.31 -4.27 -3.74
CA THR C 21 -28.61 -4.99 -4.78
C THR C 21 -27.34 -4.25 -5.15
N CYS C 22 -26.20 -4.90 -4.97
CA CYS C 22 -24.89 -4.36 -5.33
C CYS C 22 -24.46 -5.06 -6.61
N SER C 23 -24.33 -4.29 -7.70
CA SER C 23 -23.93 -4.84 -8.98
C SER C 23 -22.56 -4.27 -9.33
N PHE C 24 -21.56 -5.15 -9.43
CA PHE C 24 -20.21 -4.76 -9.78
C PHE C 24 -19.69 -5.65 -10.88
N VAL C 32 -12.08 -8.41 -2.90
CA VAL C 32 -13.11 -8.56 -1.89
C VAL C 32 -14.19 -7.49 -2.08
N LEU C 33 -15.44 -7.86 -1.82
CA LEU C 33 -16.57 -6.96 -1.91
C LEU C 33 -17.14 -6.76 -0.52
N ASN C 34 -17.13 -5.52 -0.05
CA ASN C 34 -17.57 -5.20 1.29
C ASN C 34 -18.88 -4.41 1.24
N TRP C 35 -19.69 -4.62 2.27
CA TRP C 35 -20.91 -3.87 2.52
C TRP C 35 -20.64 -3.01 3.73
N TYR C 36 -20.87 -1.71 3.60
CA TYR C 36 -20.51 -0.75 4.62
C TYR C 36 -21.73 -0.02 5.14
N ARG C 37 -21.68 0.36 6.41
CA ARG C 37 -22.63 1.26 7.02
C ARG C 37 -21.87 2.48 7.52
N MET C 38 -22.38 3.67 7.22
CA MET C 38 -21.76 4.89 7.72
C MET C 38 -22.33 5.26 9.08
N SER C 39 -21.45 5.35 10.08
CA SER C 39 -21.77 5.54 11.49
C SER C 39 -21.98 7.02 11.82
N PRO C 40 -22.38 7.34 13.05
CA PRO C 40 -22.23 8.72 13.52
C PRO C 40 -20.76 9.00 13.76
N SER C 41 -20.35 10.21 13.38
CA SER C 41 -18.96 10.61 13.11
C SER C 41 -18.58 10.22 11.68
N ASN C 42 -19.55 9.77 10.89
CA ASN C 42 -19.37 9.41 9.48
C ASN C 42 -18.06 8.65 9.25
N GLN C 43 -17.93 7.54 9.98
CA GLN C 43 -16.86 6.59 9.76
C GLN C 43 -17.44 5.27 9.30
N THR C 44 -16.60 4.45 8.69
CA THR C 44 -17.05 3.24 8.02
C THR C 44 -17.07 2.06 8.99
N ASP C 45 -18.17 1.31 8.97
CA ASP C 45 -18.27 0.03 9.64
C ASP C 45 -18.58 -1.02 8.59
N LYS C 46 -17.87 -2.14 8.64
CA LYS C 46 -18.03 -3.20 7.67
C LYS C 46 -19.06 -4.18 8.20
N LEU C 47 -20.23 -4.22 7.55
CA LEU C 47 -21.28 -5.13 8.00
C LEU C 47 -21.02 -6.56 7.55
N ALA C 48 -20.48 -6.72 6.35
CA ALA C 48 -20.26 -8.05 5.79
C ALA C 48 -19.31 -7.93 4.61
N ALA C 49 -18.77 -9.07 4.20
CA ALA C 49 -17.84 -9.14 3.08
C ALA C 49 -18.15 -10.37 2.26
N PHE C 50 -17.87 -10.27 0.96
CA PHE C 50 -17.89 -11.43 0.10
C PHE C 50 -16.51 -11.61 -0.52
N PRO C 51 -15.87 -12.79 -0.37
CA PRO C 51 -16.42 -13.93 0.39
C PRO C 51 -16.26 -13.74 1.90
N ASP C 60 -23.60 -9.36 11.46
CA ASP C 60 -23.61 -10.23 12.63
C ASP C 60 -24.79 -11.19 12.54
N CYS C 61 -24.78 -12.01 11.49
CA CYS C 61 -25.84 -12.96 11.17
C CYS C 61 -27.12 -12.28 10.71
N ARG C 62 -27.31 -11.01 11.09
CA ARG C 62 -28.43 -10.23 10.57
C ARG C 62 -28.10 -9.55 9.25
N PHE C 63 -26.83 -9.42 8.90
CA PHE C 63 -26.40 -8.79 7.65
C PHE C 63 -25.79 -9.86 6.76
N ARG C 64 -26.50 -10.22 5.70
CA ARG C 64 -26.13 -11.32 4.82
C ARG C 64 -25.79 -10.79 3.44
N VAL C 65 -24.83 -11.45 2.78
CA VAL C 65 -24.46 -11.16 1.40
C VAL C 65 -24.58 -12.45 0.61
N THR C 66 -25.37 -12.41 -0.46
CA THR C 66 -25.61 -13.57 -1.31
C THR C 66 -25.16 -13.22 -2.72
N GLN C 67 -24.24 -14.01 -3.27
CA GLN C 67 -23.85 -13.84 -4.66
C GLN C 67 -24.85 -14.56 -5.56
N LEU C 68 -25.36 -13.84 -6.55
CA LEU C 68 -26.36 -14.41 -7.41
C LEU C 68 -25.70 -15.26 -8.50
N PRO C 69 -26.46 -16.17 -9.14
CA PRO C 69 -25.86 -16.94 -10.25
C PRO C 69 -25.29 -16.06 -11.34
N ASN C 70 -25.89 -14.89 -11.52
CA ASN C 70 -25.31 -13.83 -12.34
C ASN C 70 -23.81 -13.66 -12.12
N GLY C 71 -23.32 -13.88 -10.89
CA GLY C 71 -21.91 -13.75 -10.56
C GLY C 71 -21.47 -12.34 -10.24
N ARG C 72 -22.02 -11.34 -10.91
CA ARG C 72 -21.65 -9.94 -10.70
C ARG C 72 -22.61 -9.19 -9.79
N ASP C 73 -23.79 -9.75 -9.53
CA ASP C 73 -24.78 -9.12 -8.68
C ASP C 73 -24.82 -9.80 -7.31
N PHE C 74 -25.06 -9.00 -6.29
CA PHE C 74 -25.06 -9.46 -4.92
C PHE C 74 -26.26 -8.85 -4.21
N HIS C 75 -26.93 -9.66 -3.43
CA HIS C 75 -27.99 -9.18 -2.54
C HIS C 75 -27.42 -8.99 -1.15
N MET C 76 -27.56 -7.78 -0.62
CA MET C 76 -27.07 -7.43 0.70
C MET C 76 -28.30 -7.16 1.55
N SER C 77 -28.54 -8.05 2.52
CA SER C 77 -29.83 -8.11 3.19
C SER C 77 -29.69 -7.88 4.68
N VAL C 78 -30.61 -7.09 5.23
CA VAL C 78 -30.79 -6.96 6.67
C VAL C 78 -31.95 -7.85 7.07
N VAL C 79 -31.68 -8.86 7.89
CA VAL C 79 -32.72 -9.76 8.38
C VAL C 79 -33.43 -9.09 9.54
N ARG C 80 -34.75 -8.94 9.43
CA ARG C 80 -35.60 -8.36 10.47
C ARG C 80 -35.07 -6.98 10.91
N ALA C 81 -35.26 -6.02 10.02
CA ALA C 81 -34.73 -4.68 10.21
C ALA C 81 -35.33 -4.05 11.45
N ARG C 82 -34.47 -3.48 12.30
CA ARG C 82 -34.89 -2.75 13.48
C ARG C 82 -34.75 -1.25 13.22
N ARG C 83 -35.39 -0.45 14.09
CA ARG C 83 -35.33 1.00 13.91
C ARG C 83 -33.91 1.52 14.00
N ASN C 84 -33.06 0.90 14.83
CA ASN C 84 -31.68 1.37 14.92
C ASN C 84 -30.87 1.06 13.67
N ASP C 85 -31.34 0.12 12.83
CA ASP C 85 -30.68 -0.14 11.56
C ASP C 85 -30.78 1.03 10.58
N SER C 86 -31.65 2.00 10.86
CA SER C 86 -31.75 3.17 9.99
C SER C 86 -30.41 3.88 9.92
N GLY C 87 -30.06 4.34 8.73
CA GLY C 87 -28.76 4.96 8.54
C GLY C 87 -28.39 4.98 7.06
N THR C 88 -27.08 5.03 6.81
CA THR C 88 -26.54 5.15 5.46
C THR C 88 -25.61 3.96 5.19
N TYR C 89 -25.70 3.41 3.98
CA TYR C 89 -25.05 2.16 3.64
C TYR C 89 -24.46 2.25 2.23
N LEU C 90 -23.47 1.40 1.94
CA LEU C 90 -22.87 1.36 0.62
C LEU C 90 -22.11 0.05 0.44
N CYS C 91 -21.69 -0.21 -0.81
CA CYS C 91 -20.84 -1.35 -1.13
C CYS C 91 -19.58 -0.88 -1.85
N GLY C 92 -18.50 -1.64 -1.67
CA GLY C 92 -17.23 -1.29 -2.28
C GLY C 92 -16.40 -2.51 -2.62
N ALA C 93 -15.67 -2.46 -3.73
CA ALA C 93 -14.80 -3.53 -4.19
C ALA C 93 -13.35 -3.09 -4.03
N ILE C 94 -12.57 -3.89 -3.32
CA ILE C 94 -11.17 -3.57 -3.03
C ILE C 94 -10.26 -4.50 -3.82
N SER C 95 -9.27 -3.92 -4.48
CA SER C 95 -8.17 -4.66 -5.09
C SER C 95 -6.89 -4.24 -4.39
N LEU C 96 -6.19 -5.22 -3.81
CA LEU C 96 -5.05 -4.92 -2.92
C LEU C 96 -3.81 -4.52 -3.70
N ALA C 97 -3.62 -5.10 -4.89
CA ALA C 97 -2.39 -4.99 -5.66
C ALA C 97 -2.65 -5.57 -7.04
N PRO C 98 -1.96 -5.12 -8.10
CA PRO C 98 -1.02 -3.98 -8.09
C PRO C 98 -1.77 -2.66 -8.00
N LYS C 99 -1.32 -1.78 -7.10
CA LYS C 99 -1.94 -0.50 -6.76
C LYS C 99 -3.20 -0.69 -5.91
N ALA C 100 -3.23 -0.03 -4.75
CA ALA C 100 -4.35 -0.17 -3.83
C ALA C 100 -5.55 0.57 -4.37
N GLN C 101 -6.64 -0.15 -4.63
CA GLN C 101 -7.79 0.45 -5.29
C GLN C 101 -9.09 0.05 -4.61
N ILE C 102 -9.99 1.01 -4.48
CA ILE C 102 -11.36 0.73 -4.02
C ILE C 102 -12.33 1.47 -4.91
N LYS C 103 -13.34 0.77 -5.39
CA LYS C 103 -14.43 1.38 -6.14
C LYS C 103 -15.68 1.28 -5.26
N GLU C 104 -16.14 2.41 -4.77
CA GLU C 104 -17.25 2.49 -3.83
C GLU C 104 -18.53 2.92 -4.54
N SER C 105 -19.65 2.38 -4.07
CA SER C 105 -20.95 2.80 -4.56
C SER C 105 -21.29 4.16 -3.98
N LEU C 106 -22.28 4.81 -4.60
CA LEU C 106 -22.93 5.94 -3.96
C LEU C 106 -23.64 5.47 -2.69
N ARG C 107 -23.94 6.42 -1.81
CA ARG C 107 -24.50 6.08 -0.52
C ARG C 107 -26.02 5.95 -0.61
N ALA C 108 -26.54 4.91 0.04
CA ALA C 108 -27.98 4.69 0.13
C ALA C 108 -28.39 4.76 1.60
N GLU C 109 -29.65 5.13 1.82
CA GLU C 109 -30.19 5.29 3.16
C GLU C 109 -31.19 4.19 3.44
N LEU C 110 -31.08 3.56 4.60
CA LEU C 110 -32.09 2.62 5.07
C LEU C 110 -33.02 3.35 6.02
N ARG C 111 -34.30 3.40 5.66
CA ARG C 111 -35.32 4.09 6.44
C ARG C 111 -36.30 3.05 6.99
N VAL C 112 -36.09 2.65 8.22
CA VAL C 112 -36.99 1.72 8.90
C VAL C 112 -38.11 2.53 9.53
N THR C 113 -39.35 2.12 9.28
CA THR C 113 -40.53 2.82 9.79
C THR C 113 -41.25 1.97 10.84
N GLU C 114 -42.10 2.63 11.62
CA GLU C 114 -42.84 1.95 12.67
C GLU C 114 -43.94 1.08 12.07
N ARG C 115 -44.18 -0.07 12.68
CA ARG C 115 -45.20 -1.01 12.21
C ARG C 115 -46.60 -0.48 12.46
#